data_5EP0
#
_entry.id   5EP0
#
_cell.length_a   116.149
_cell.length_b   116.149
_cell.length_c   71.174
_cell.angle_alpha   90.000
_cell.angle_beta   90.000
_cell.angle_gamma   120.000
#
_symmetry.space_group_name_H-M   'P 61'
#
loop_
_entity.id
_entity.type
_entity.pdbx_description
1 polymer 'Putative repressor protein luxO'
2 non-polymer 'SULFATE ION'
3 non-polymer 1,2-ETHANEDIOL
4 water water
#
_entity_poly.entity_id   1
_entity_poly.type   'polypeptide(L)'
_entity_poly.pdbx_seq_one_letter_code
;MMQQRQVLMVEDTASVAALYKSYLNPLGLNVSIVGTGKEALSFIQDIIPDLILLDLRLPDMTGMEVLERVRKEHGNVPVV
IMTAHGSIDIAVEAIRYGAQDFLIKPCEADRLRITVNKALKAESKSNTSTQSKQSDGAQYQGFIGNSLPMQAVYRVIESA
ASSKATVFITGESGTGKEVCAEAIHAASPRHDKPFIALNCAAIPKDLIESELFGHVKGAFTGASTERQGAVEMAHNGTLM
LDELCEMDLDLQSKLLRFIQTGTYQKVGSSKMSSVDVRFVCATNRNPWEEVQEGRFREDLYYRLHVIPISLPPLRERGGD
IIEIAHALLGLMSLEEGKSFSRFSEPVLRLFESYSWPGNVRELQNVIRNIVVLNTDDEVKLEMVPPPILEHHHHHH
;
_entity_poly.pdbx_strand_id   A
#
# COMPACT_ATOMS: atom_id res chain seq x y z
N GLN A 4 15.39 18.38 4.84
CA GLN A 4 14.64 17.34 5.54
C GLN A 4 13.14 17.60 5.48
N ARG A 5 12.37 16.60 5.04
CA ARG A 5 10.93 16.77 4.92
C ARG A 5 10.30 16.91 6.29
N GLN A 6 9.23 17.71 6.35
CA GLN A 6 8.56 18.03 7.60
C GLN A 6 7.15 17.44 7.62
N VAL A 7 6.87 16.68 8.67
CA VAL A 7 5.55 16.11 8.92
C VAL A 7 5.03 16.74 10.19
N LEU A 8 3.86 17.38 10.12
CA LEU A 8 3.22 17.93 11.30
C LEU A 8 2.17 16.93 11.77
N MET A 9 2.32 16.46 13.02
CA MET A 9 1.40 15.49 13.59
C MET A 9 0.51 16.20 14.60
N VAL A 10 -0.78 16.24 14.33
CA VAL A 10 -1.75 16.93 15.19
C VAL A 10 -2.47 15.83 15.98
N GLU A 11 -2.04 15.65 17.23
CA GLU A 11 -2.43 14.48 18.01
C GLU A 11 -2.34 14.86 19.48
N ASP A 12 -3.45 14.79 20.19
CA ASP A 12 -3.43 15.23 21.57
CA ASP A 12 -3.41 15.23 21.58
C ASP A 12 -3.14 14.10 22.56
N THR A 13 -3.13 12.85 22.12
CA THR A 13 -2.71 11.76 23.01
C THR A 13 -1.20 11.61 22.89
N ALA A 14 -0.46 12.03 23.92
CA ALA A 14 0.99 12.11 23.82
C ALA A 14 1.60 10.75 23.50
N SER A 15 1.08 9.68 24.10
CA SER A 15 1.67 8.35 23.89
C SER A 15 1.51 7.88 22.46
N VAL A 16 0.36 8.19 21.85
CA VAL A 16 0.09 7.86 20.46
C VAL A 16 1.01 8.66 19.54
N ALA A 17 1.13 9.96 19.79
CA ALA A 17 2.03 10.79 19.00
C ALA A 17 3.46 10.27 19.06
N ALA A 18 3.93 9.88 20.25
CA ALA A 18 5.28 9.36 20.39
C ALA A 18 5.43 8.04 19.66
N LEU A 19 4.43 7.17 19.75
CA LEU A 19 4.47 5.89 19.06
C LEU A 19 4.54 6.11 17.56
N TYR A 20 3.66 6.96 17.03
CA TYR A 20 3.63 7.16 15.58
C TYR A 20 4.91 7.82 15.10
N LYS A 21 5.45 8.76 15.89
CA LYS A 21 6.72 9.37 15.49
C LYS A 21 7.84 8.32 15.43
N SER A 22 7.85 7.38 16.38
CA SER A 22 8.84 6.31 16.37
C SER A 22 8.66 5.40 15.15
N TYR A 23 7.41 5.16 14.72
CA TYR A 23 7.18 4.40 13.50
C TYR A 23 7.89 5.02 12.31
N LEU A 24 7.97 6.35 12.29
CA LEU A 24 8.49 7.06 11.13
C LEU A 24 10.01 7.17 11.12
N ASN A 25 10.68 6.69 12.17
CA ASN A 25 12.13 6.82 12.27
C ASN A 25 12.88 6.37 11.02
N PRO A 26 12.57 5.24 10.39
CA PRO A 26 13.33 4.83 9.19
C PRO A 26 13.30 5.84 8.08
N LEU A 27 12.29 6.73 8.02
CA LEU A 27 12.16 7.66 6.92
C LEU A 27 13.01 8.92 7.08
N GLY A 28 13.63 9.14 8.24
CA GLY A 28 14.54 10.26 8.38
C GLY A 28 13.88 11.61 8.16
N LEU A 29 12.72 11.82 8.78
CA LEU A 29 11.96 13.05 8.61
C LEU A 29 12.05 13.91 9.86
N ASN A 30 11.65 15.16 9.70
CA ASN A 30 11.50 16.10 10.81
C ASN A 30 10.02 16.07 11.20
N VAL A 31 9.69 15.35 12.27
CA VAL A 31 8.32 15.19 12.72
C VAL A 31 8.07 16.14 13.88
N SER A 32 7.09 17.02 13.73
CA SER A 32 6.72 17.97 14.79
C SER A 32 5.34 17.59 15.31
N ILE A 33 5.22 17.45 16.63
CA ILE A 33 3.97 17.07 17.29
C ILE A 33 3.35 18.31 17.91
N VAL A 34 2.06 18.51 17.67
CA VAL A 34 1.27 19.51 18.37
C VAL A 34 -0.01 18.86 18.87
N GLY A 35 -0.57 19.40 19.96
CA GLY A 35 -1.72 18.76 20.54
C GLY A 35 -3.03 19.50 20.43
N THR A 36 -3.04 20.66 19.79
CA THR A 36 -4.25 21.44 19.64
C THR A 36 -4.33 21.97 18.23
N GLY A 37 -5.55 22.30 17.83
CA GLY A 37 -5.73 22.96 16.54
C GLY A 37 -5.07 24.32 16.52
N LYS A 38 -5.14 25.06 17.63
CA LYS A 38 -4.45 26.36 17.69
C LYS A 38 -2.95 26.21 17.39
N GLU A 39 -2.28 25.24 18.03
CA GLU A 39 -0.85 25.10 17.79
C GLU A 39 -0.57 24.56 16.39
N ALA A 40 -1.46 23.74 15.82
CA ALA A 40 -1.21 23.31 14.44
C ALA A 40 -1.30 24.48 13.46
N LEU A 41 -2.31 25.34 13.64
CA LEU A 41 -2.46 26.47 12.73
C LEU A 41 -1.35 27.49 12.94
N SER A 42 -0.91 27.68 14.19
CA SER A 42 0.24 28.55 14.44
C SER A 42 1.49 28.02 13.75
N PHE A 43 1.72 26.70 13.84
CA PHE A 43 2.86 26.11 13.13
C PHE A 43 2.81 26.42 11.64
N ILE A 44 1.65 26.18 11.03
CA ILE A 44 1.50 26.33 9.60
C ILE A 44 1.67 27.79 9.15
N GLN A 45 1.39 28.77 10.02
CA GLN A 45 1.61 30.16 9.62
C GLN A 45 3.07 30.42 9.31
N ASP A 46 3.97 29.69 9.97
CA ASP A 46 5.41 29.84 9.81
C ASP A 46 6.03 28.85 8.86
N ILE A 47 5.59 27.59 8.89
CA ILE A 47 6.23 26.52 8.14
C ILE A 47 5.10 25.71 7.51
N ILE A 48 5.08 25.64 6.18
CA ILE A 48 4.09 24.77 5.52
C ILE A 48 4.71 23.37 5.49
N PRO A 49 4.12 22.39 6.16
CA PRO A 49 4.73 21.08 6.18
C PRO A 49 4.54 20.38 4.86
N ASP A 50 5.32 19.32 4.68
CA ASP A 50 5.14 18.45 3.52
C ASP A 50 3.97 17.49 3.70
N LEU A 51 3.51 17.28 4.94
CA LEU A 51 2.35 16.44 5.18
C LEU A 51 1.82 16.78 6.57
N ILE A 52 0.50 16.82 6.71
CA ILE A 52 -0.16 16.94 8.00
C ILE A 52 -0.87 15.62 8.31
N LEU A 53 -0.57 15.04 9.46
CA LEU A 53 -1.35 13.93 10.00
C LEU A 53 -2.28 14.50 11.05
N LEU A 54 -3.58 14.35 10.84
CA LEU A 54 -4.55 15.14 11.63
C LEU A 54 -5.54 14.22 12.33
N ASP A 55 -5.46 14.14 13.66
CA ASP A 55 -6.48 13.41 14.40
C ASP A 55 -7.79 14.18 14.38
N LEU A 56 -8.92 13.45 14.26
CA LEU A 56 -10.23 14.10 14.23
C LEU A 56 -10.64 14.65 15.59
N ARG A 57 -10.00 14.20 16.67
CA ARG A 57 -10.42 14.49 18.03
C ARG A 57 -9.34 15.32 18.70
N LEU A 58 -9.66 16.58 19.05
CA LEU A 58 -8.70 17.51 19.64
C LEU A 58 -9.38 18.31 20.73
N PRO A 59 -8.61 18.87 21.68
CA PRO A 59 -9.24 19.48 22.86
C PRO A 59 -9.89 20.83 22.59
N ASP A 60 -9.41 21.61 21.62
CA ASP A 60 -9.87 22.98 21.44
C ASP A 60 -10.82 23.20 20.28
N MET A 61 -10.84 22.30 19.30
CA MET A 61 -11.69 22.40 18.14
C MET A 61 -11.70 21.02 17.52
N THR A 62 -12.60 20.81 16.57
CA THR A 62 -12.63 19.49 15.93
C THR A 62 -11.56 19.41 14.85
N GLY A 63 -11.21 18.18 14.48
CA GLY A 63 -10.31 18.00 13.35
C GLY A 63 -10.88 18.57 12.06
N MET A 64 -12.19 18.45 11.85
CA MET A 64 -12.80 19.06 10.68
C MET A 64 -12.57 20.57 10.66
N GLU A 65 -12.66 21.22 11.83
CA GLU A 65 -12.43 22.67 11.85
CA GLU A 65 -12.43 22.67 11.88
C GLU A 65 -10.97 23.00 11.56
N VAL A 66 -10.03 22.17 12.02
CA VAL A 66 -8.63 22.39 11.62
C VAL A 66 -8.52 22.28 10.11
N LEU A 67 -9.08 21.22 9.52
CA LEU A 67 -8.98 21.03 8.08
C LEU A 67 -9.57 22.23 7.33
N GLU A 68 -10.71 22.74 7.79
CA GLU A 68 -11.33 23.89 7.15
CA GLU A 68 -11.32 23.89 7.14
C GLU A 68 -10.40 25.09 7.20
N ARG A 69 -9.79 25.33 8.36
CA ARG A 69 -8.91 26.48 8.50
C ARG A 69 -7.61 26.31 7.73
N VAL A 70 -7.10 25.08 7.60
CA VAL A 70 -5.93 24.85 6.75
C VAL A 70 -6.27 25.15 5.30
N ARG A 71 -7.37 24.57 4.81
CA ARG A 71 -7.70 24.69 3.39
C ARG A 71 -8.09 26.10 3.00
N LYS A 72 -8.52 26.93 3.95
CA LYS A 72 -8.83 28.32 3.63
C LYS A 72 -7.60 29.06 3.11
N GLU A 73 -6.41 28.69 3.59
CA GLU A 73 -5.18 29.35 3.19
C GLU A 73 -4.20 28.46 2.44
N HIS A 74 -4.40 27.15 2.44
CA HIS A 74 -3.39 26.25 1.92
C HIS A 74 -4.10 25.14 1.16
N GLY A 75 -4.11 25.24 -0.17
CA GLY A 75 -4.87 24.30 -0.95
C GLY A 75 -4.13 23.06 -1.33
N ASN A 76 -2.81 23.05 -1.21
CA ASN A 76 -1.96 21.96 -1.70
C ASN A 76 -1.42 21.03 -0.62
N VAL A 77 -1.25 21.51 0.61
CA VAL A 77 -0.55 20.67 1.59
C VAL A 77 -1.35 19.39 1.83
N PRO A 78 -0.74 18.21 1.74
CA PRO A 78 -1.52 16.98 1.93
C PRO A 78 -1.92 16.81 3.38
N VAL A 79 -3.14 16.34 3.58
CA VAL A 79 -3.68 16.08 4.91
C VAL A 79 -4.17 14.63 4.94
N VAL A 80 -3.67 13.84 5.88
CA VAL A 80 -4.18 12.49 6.12
C VAL A 80 -4.83 12.48 7.49
N ILE A 81 -6.11 12.09 7.52
CA ILE A 81 -6.94 12.05 8.72
C ILE A 81 -6.64 10.78 9.50
N MET A 82 -6.54 10.88 10.82
CA MET A 82 -6.44 9.70 11.68
CA MET A 82 -6.43 9.70 11.70
C MET A 82 -7.75 9.56 12.44
N THR A 83 -8.39 8.41 12.32
CA THR A 83 -9.74 8.25 12.86
C THR A 83 -9.92 6.89 13.52
N ALA A 84 -10.69 6.86 14.61
CA ALA A 84 -11.21 5.60 15.15
C ALA A 84 -12.34 5.05 14.28
N HIS A 85 -12.68 3.76 14.50
CA HIS A 85 -13.80 3.12 13.80
C HIS A 85 -15.05 3.95 13.86
N GLY A 86 -15.30 4.57 15.03
CA GLY A 86 -16.54 5.26 15.28
C GLY A 86 -16.71 6.56 14.53
N SER A 87 -15.67 7.05 13.87
CA SER A 87 -15.73 8.33 13.18
C SER A 87 -15.44 8.20 11.69
N ILE A 88 -15.64 7.01 11.11
CA ILE A 88 -15.52 6.85 9.66
C ILE A 88 -16.44 7.83 8.96
N ASP A 89 -17.62 8.13 9.56
CA ASP A 89 -18.50 9.11 8.95
C ASP A 89 -17.80 10.45 8.79
N ILE A 90 -17.08 10.88 9.82
CA ILE A 90 -16.39 12.17 9.74
C ILE A 90 -15.19 12.07 8.79
N ALA A 91 -14.48 10.93 8.81
CA ALA A 91 -13.34 10.79 7.90
C ALA A 91 -13.76 10.90 6.44
N VAL A 92 -14.88 10.28 6.08
CA VAL A 92 -15.41 10.41 4.72
C VAL A 92 -15.74 11.86 4.39
N GLU A 93 -16.40 12.57 5.33
CA GLU A 93 -16.69 13.99 5.15
CA GLU A 93 -16.69 13.96 5.06
C GLU A 93 -15.41 14.79 4.95
N ALA A 94 -14.36 14.43 5.69
CA ALA A 94 -13.09 15.14 5.57
C ALA A 94 -12.47 14.94 4.18
N ILE A 95 -12.54 13.73 3.61
CA ILE A 95 -12.05 13.54 2.25
C ILE A 95 -12.83 14.42 1.28
N ARG A 96 -14.15 14.44 1.43
CA ARG A 96 -15.00 15.24 0.56
C ARG A 96 -14.68 16.72 0.67
N TYR A 97 -14.21 17.16 1.83
CA TYR A 97 -13.92 18.57 2.02
CA TYR A 97 -13.94 18.57 1.97
C TYR A 97 -12.53 18.95 1.49
N GLY A 98 -11.57 18.03 1.52
CA GLY A 98 -10.27 18.38 0.99
C GLY A 98 -9.08 17.61 1.54
N ALA A 99 -9.33 16.58 2.33
CA ALA A 99 -8.23 15.73 2.80
C ALA A 99 -7.97 14.61 1.80
N GLN A 100 -6.76 14.02 1.89
CA GLN A 100 -6.29 13.10 0.86
C GLN A 100 -6.60 11.65 1.17
N ASP A 101 -6.54 11.25 2.43
CA ASP A 101 -6.82 9.87 2.81
C ASP A 101 -7.15 9.86 4.29
N PHE A 102 -7.64 8.73 4.79
CA PHE A 102 -7.82 8.57 6.22
C PHE A 102 -7.17 7.25 6.62
N LEU A 103 -6.67 7.20 7.86
CA LEU A 103 -6.05 6.00 8.42
C LEU A 103 -6.88 5.56 9.62
N ILE A 104 -7.33 4.31 9.60
CA ILE A 104 -8.06 3.78 10.74
C ILE A 104 -7.07 3.50 11.87
N LYS A 105 -7.40 3.99 13.06
CA LYS A 105 -6.63 3.75 14.26
C LYS A 105 -7.20 2.49 14.93
N PRO A 106 -6.36 1.74 15.66
CA PRO A 106 -4.92 1.96 15.83
C PRO A 106 -4.15 1.65 14.55
N CYS A 107 -3.06 2.37 14.36
CA CYS A 107 -2.23 2.16 13.18
CA CYS A 107 -2.16 2.26 13.22
C CYS A 107 -1.01 1.35 13.57
N GLU A 108 -0.52 0.58 12.59
CA GLU A 108 0.71 -0.17 12.72
C GLU A 108 1.84 0.56 12.00
N ALA A 109 3.08 0.17 12.33
CA ALA A 109 4.24 0.91 11.82
C ALA A 109 4.32 0.87 10.30
N ASP A 110 4.14 -0.30 9.70
CA ASP A 110 4.34 -0.36 8.25
C ASP A 110 3.26 0.43 7.52
N ARG A 111 2.00 0.26 7.92
CA ARG A 111 0.93 1.02 7.27
C ARG A 111 1.17 2.53 7.39
N LEU A 112 1.63 3.01 8.57
CA LEU A 112 1.89 4.45 8.66
C LEU A 112 3.07 4.85 7.76
N ARG A 113 4.16 4.08 7.77
CA ARG A 113 5.29 4.45 6.91
C ARG A 113 4.91 4.48 5.44
N ILE A 114 4.15 3.49 4.97
CA ILE A 114 3.73 3.47 3.57
C ILE A 114 2.91 4.71 3.25
N THR A 115 1.95 5.03 4.13
CA THR A 115 1.09 6.17 3.85
C THR A 115 1.91 7.46 3.79
N VAL A 116 2.85 7.63 4.73
CA VAL A 116 3.67 8.83 4.74
C VAL A 116 4.60 8.87 3.54
N ASN A 117 5.27 7.75 3.24
CA ASN A 117 6.19 7.75 2.11
C ASN A 117 5.44 8.01 0.80
N LYS A 118 4.26 7.42 0.62
CA LYS A 118 3.49 7.65 -0.60
C LYS A 118 3.04 9.09 -0.68
N ALA A 119 2.66 9.68 0.45
CA ALA A 119 2.16 11.06 0.42
C ALA A 119 3.29 12.04 0.10
N LEU A 120 4.51 11.75 0.54
CA LEU A 120 5.62 12.66 0.30
C LEU A 120 6.16 12.52 -1.13
N LYS A 121 6.20 11.31 -1.67
CA LYS A 121 6.72 11.12 -3.03
C LYS A 121 5.72 11.62 -4.07
N ALA A 122 4.42 11.43 -3.83
CA ALA A 122 3.40 11.92 -4.73
C ALA A 122 3.48 13.43 -4.92
N GLU A 123 4.01 14.15 -3.93
CA GLU A 123 4.10 15.60 -3.97
C GLU A 123 5.42 16.08 -4.56
N SER A 124 6.52 15.41 -4.24
CA SER A 124 7.85 15.74 -4.78
C SER A 124 8.88 14.69 -4.39
N THR A 128 11.19 9.45 -8.59
CA THR A 128 9.76 9.26 -8.89
C THR A 128 9.42 7.77 -8.93
N SER A 129 8.44 7.39 -8.11
CA SER A 129 8.01 6.01 -7.96
C SER A 129 6.78 5.73 -8.83
N THR A 130 6.33 4.47 -8.81
CA THR A 130 5.11 4.10 -9.52
C THR A 130 3.93 4.92 -9.00
N GLN A 131 3.07 5.37 -9.91
CA GLN A 131 1.95 6.24 -9.55
C GLN A 131 0.99 5.53 -8.59
N SER A 132 0.33 6.31 -7.74
CA SER A 132 -0.53 5.80 -6.69
C SER A 132 -1.71 6.76 -6.48
N LYS A 133 -2.85 6.21 -6.03
CA LYS A 133 -4.05 6.99 -5.70
C LYS A 133 -4.69 6.43 -4.44
N GLN A 134 -5.80 7.05 -3.99
CA GLN A 134 -6.32 6.79 -2.65
C GLN A 134 -6.64 5.31 -2.46
N SER A 135 -7.33 4.69 -3.42
CA SER A 135 -7.71 3.28 -3.28
C SER A 135 -6.51 2.34 -3.24
N ASP A 136 -5.32 2.82 -3.58
CA ASP A 136 -4.12 2.01 -3.44
C ASP A 136 -3.62 1.98 -2.02
N GLY A 137 -4.27 2.70 -1.10
CA GLY A 137 -3.78 2.77 0.26
C GLY A 137 -3.73 1.40 0.92
N ALA A 138 -2.78 1.27 1.86
CA ALA A 138 -2.49 -0.02 2.46
C ALA A 138 -3.73 -0.69 3.04
N GLN A 139 -4.52 0.07 3.82
CA GLN A 139 -5.63 -0.58 4.51
C GLN A 139 -6.67 -1.13 3.53
N TYR A 140 -6.87 -0.47 2.39
CA TYR A 140 -7.85 -0.92 1.39
C TYR A 140 -7.40 -2.18 0.69
N GLN A 141 -6.10 -2.44 0.70
CA GLN A 141 -5.56 -3.66 0.13
C GLN A 141 -5.45 -4.76 1.15
N GLY A 142 -5.91 -4.53 2.37
CA GLY A 142 -5.88 -5.53 3.43
C GLY A 142 -4.68 -5.46 4.33
N PHE A 143 -3.82 -4.46 4.17
CA PHE A 143 -2.59 -4.41 4.95
C PHE A 143 -2.86 -3.51 6.15
N ILE A 144 -3.47 -4.12 7.18
CA ILE A 144 -4.00 -3.47 8.38
C ILE A 144 -4.36 -4.57 9.37
N GLY A 145 -4.15 -4.32 10.66
CA GLY A 145 -4.55 -5.28 11.67
C GLY A 145 -3.33 -5.89 12.36
N ASN A 146 -3.59 -6.52 13.50
CA ASN A 146 -2.51 -7.10 14.28
C ASN A 146 -2.81 -8.55 14.68
N SER A 147 -3.55 -9.30 13.86
CA SER A 147 -3.64 -10.74 14.05
C SER A 147 -2.23 -11.35 14.12
N LEU A 148 -2.09 -12.47 14.84
CA LEU A 148 -0.78 -13.12 14.90
C LEU A 148 -0.20 -13.42 13.52
N PRO A 149 -0.98 -13.88 12.52
CA PRO A 149 -0.38 -14.12 11.20
C PRO A 149 0.15 -12.85 10.56
N MET A 150 -0.52 -11.70 10.77
CA MET A 150 0.03 -10.46 10.25
C MET A 150 1.25 -10.00 11.05
N GLN A 151 1.25 -10.22 12.36
CA GLN A 151 2.44 -9.87 13.14
C GLN A 151 3.67 -10.60 12.62
N ALA A 152 3.49 -11.83 12.14
CA ALA A 152 4.62 -12.57 11.59
C ALA A 152 5.13 -11.92 10.31
N VAL A 153 4.22 -11.43 9.49
CA VAL A 153 4.60 -10.68 8.30
C VAL A 153 5.36 -9.41 8.69
N TYR A 154 4.84 -8.65 9.65
CA TYR A 154 5.53 -7.43 10.02
C TYR A 154 6.93 -7.71 10.56
N ARG A 155 7.08 -8.82 11.26
CA ARG A 155 8.40 -9.19 11.80
CA ARG A 155 8.39 -9.18 11.79
C ARG A 155 9.41 -9.42 10.69
N VAL A 156 9.00 -10.13 9.64
CA VAL A 156 9.94 -10.41 8.56
C VAL A 156 10.26 -9.12 7.81
N ILE A 157 9.25 -8.27 7.58
CA ILE A 157 9.50 -7.01 6.91
C ILE A 157 10.58 -6.23 7.64
N GLU A 158 10.45 -6.14 8.97
CA GLU A 158 11.39 -5.36 9.76
C GLU A 158 12.79 -5.93 9.66
N SER A 159 12.93 -7.25 9.79
CA SER A 159 14.27 -7.83 9.74
C SER A 159 14.87 -7.68 8.34
N ALA A 160 14.07 -7.91 7.30
CA ALA A 160 14.55 -7.99 5.92
C ALA A 160 14.78 -6.62 5.30
N ALA A 161 14.07 -5.59 5.78
CA ALA A 161 14.07 -4.33 5.05
C ALA A 161 15.46 -3.76 4.93
N SER A 162 16.28 -3.91 5.98
CA SER A 162 17.61 -3.33 5.97
C SER A 162 18.61 -4.11 5.10
N SER A 163 18.33 -5.38 4.82
CA SER A 163 19.20 -6.22 4.00
C SER A 163 18.97 -5.87 2.52
N LYS A 164 19.97 -6.17 1.69
CA LYS A 164 19.75 -6.09 0.25
C LYS A 164 19.19 -7.39 -0.32
N ALA A 165 19.02 -8.41 0.50
CA ALA A 165 18.61 -9.72 0.00
C ALA A 165 17.22 -9.67 -0.65
N THR A 166 17.07 -10.44 -1.72
CA THR A 166 15.78 -10.45 -2.42
C THR A 166 14.69 -11.04 -1.56
N VAL A 167 13.51 -10.39 -1.59
CA VAL A 167 12.35 -10.85 -0.84
C VAL A 167 11.39 -11.49 -1.84
N PHE A 168 10.88 -12.67 -1.48
CA PHE A 168 10.07 -13.51 -2.39
C PHE A 168 8.72 -13.71 -1.72
N ILE A 169 7.68 -13.02 -2.22
CA ILE A 169 6.37 -12.96 -1.55
C ILE A 169 5.37 -13.90 -2.23
N THR A 170 4.72 -14.74 -1.45
CA THR A 170 3.64 -15.60 -1.93
C THR A 170 2.37 -15.32 -1.15
N GLY A 171 1.27 -15.80 -1.68
CA GLY A 171 -0.04 -15.55 -1.10
C GLY A 171 -1.09 -15.49 -2.17
N GLU A 172 -2.34 -15.75 -1.78
CA GLU A 172 -3.44 -15.72 -2.73
C GLU A 172 -3.64 -14.32 -3.30
N SER A 173 -4.32 -14.24 -4.44
CA SER A 173 -4.65 -12.93 -4.99
CA SER A 173 -4.67 -12.94 -4.99
C SER A 173 -5.42 -12.11 -3.96
N GLY A 174 -5.06 -10.83 -3.87
CA GLY A 174 -5.80 -9.96 -2.96
C GLY A 174 -5.54 -10.22 -1.49
N THR A 175 -4.28 -10.52 -1.13
CA THR A 175 -3.92 -10.67 0.26
C THR A 175 -2.94 -9.63 0.77
N GLY A 176 -2.51 -8.66 -0.05
CA GLY A 176 -1.64 -7.58 0.40
C GLY A 176 -0.20 -7.68 -0.05
N LYS A 177 0.10 -8.53 -1.03
CA LYS A 177 1.48 -8.80 -1.43
C LYS A 177 2.17 -7.55 -1.97
N GLU A 178 1.49 -6.78 -2.83
CA GLU A 178 2.11 -5.58 -3.36
C GLU A 178 2.37 -4.56 -2.26
N VAL A 179 1.43 -4.39 -1.34
CA VAL A 179 1.68 -3.45 -0.25
C VAL A 179 2.81 -3.94 0.64
N CYS A 180 2.96 -5.26 0.80
CA CYS A 180 4.10 -5.79 1.55
C CYS A 180 5.43 -5.33 0.94
N ALA A 181 5.52 -5.33 -0.40
CA ALA A 181 6.72 -4.83 -1.04
C ALA A 181 6.95 -3.35 -0.76
N GLU A 182 5.86 -2.53 -0.75
CA GLU A 182 6.00 -1.13 -0.38
C GLU A 182 6.46 -0.97 1.06
N ALA A 183 6.03 -1.85 1.96
CA ALA A 183 6.49 -1.79 3.36
C ALA A 183 7.99 -2.02 3.45
N ILE A 184 8.50 -3.02 2.70
CA ILE A 184 9.93 -3.28 2.72
CA ILE A 184 9.93 -3.30 2.67
C ILE A 184 10.68 -2.04 2.26
N HIS A 185 10.23 -1.43 1.16
CA HIS A 185 10.89 -0.23 0.67
C HIS A 185 10.88 0.89 1.71
N ALA A 186 9.72 1.17 2.31
CA ALA A 186 9.63 2.27 3.27
C ALA A 186 10.44 2.04 4.55
N ALA A 187 10.71 0.79 4.92
CA ALA A 187 11.49 0.50 6.11
C ALA A 187 12.98 0.38 5.81
N SER A 188 13.35 0.35 4.53
CA SER A 188 14.72 0.15 4.06
C SER A 188 15.46 1.47 3.94
N PRO A 189 16.79 1.42 3.95
CA PRO A 189 17.56 2.65 3.69
C PRO A 189 17.33 3.23 2.31
N ARG A 190 16.67 2.51 1.39
CA ARG A 190 16.35 3.00 0.07
C ARG A 190 15.01 3.73 0.03
N HIS A 191 14.42 3.97 1.20
CA HIS A 191 13.07 4.53 1.24
C HIS A 191 12.93 5.82 0.44
N ASP A 192 13.99 6.63 0.35
CA ASP A 192 13.86 7.90 -0.37
C ASP A 192 14.19 7.78 -1.84
N LYS A 193 14.58 6.60 -2.29
CA LYS A 193 14.86 6.31 -3.69
C LYS A 193 13.61 5.74 -4.33
N PRO A 194 13.61 5.51 -5.64
CA PRO A 194 12.37 5.07 -6.29
C PRO A 194 11.93 3.67 -5.88
N PHE A 195 10.61 3.51 -5.81
CA PHE A 195 9.96 2.21 -5.72
C PHE A 195 9.19 2.00 -7.03
N ILE A 196 9.58 0.98 -7.78
CA ILE A 196 9.01 0.69 -9.08
C ILE A 196 8.40 -0.71 -9.04
N ALA A 197 7.10 -0.80 -9.34
CA ALA A 197 6.40 -2.08 -9.41
C ALA A 197 6.00 -2.34 -10.85
N LEU A 198 6.43 -3.48 -11.38
CA LEU A 198 5.99 -3.94 -12.68
C LEU A 198 5.13 -5.16 -12.47
N ASN A 199 3.89 -5.11 -12.93
CA ASN A 199 3.02 -6.29 -12.85
C ASN A 199 3.15 -7.07 -14.15
N CYS A 200 3.70 -8.28 -14.06
CA CYS A 200 4.04 -9.04 -15.26
C CYS A 200 2.81 -9.61 -15.95
N ALA A 201 1.67 -9.67 -15.26
CA ALA A 201 0.45 -10.09 -15.94
C ALA A 201 -0.24 -8.94 -16.66
N ALA A 202 0.00 -7.71 -16.21
CA ALA A 202 -0.70 -6.54 -16.75
C ALA A 202 -0.15 -6.05 -18.08
N ILE A 203 0.96 -6.63 -18.54
CA ILE A 203 1.71 -6.19 -19.71
C ILE A 203 1.62 -7.35 -20.69
N PRO A 204 1.37 -7.12 -21.98
CA PRO A 204 1.44 -8.22 -22.94
C PRO A 204 2.87 -8.75 -23.06
N LYS A 205 2.98 -10.00 -23.51
CA LYS A 205 4.28 -10.63 -23.70
C LYS A 205 5.13 -9.91 -24.74
N ASP A 206 4.53 -9.36 -25.80
CA ASP A 206 5.41 -8.72 -26.77
C ASP A 206 5.94 -7.37 -26.30
N LEU A 207 5.61 -6.93 -25.08
CA LEU A 207 6.04 -5.63 -24.59
C LEU A 207 6.77 -5.68 -23.26
N ILE A 208 6.68 -6.78 -22.52
CA ILE A 208 7.19 -6.82 -21.14
C ILE A 208 8.71 -6.70 -21.09
N GLU A 209 9.42 -7.30 -22.06
CA GLU A 209 10.88 -7.06 -22.07
C GLU A 209 11.17 -5.58 -22.21
N SER A 210 10.44 -4.88 -23.08
CA SER A 210 10.66 -3.45 -23.22
CA SER A 210 10.65 -3.45 -23.22
C SER A 210 10.22 -2.69 -21.97
N GLU A 211 9.15 -3.14 -21.31
CA GLU A 211 8.71 -2.47 -20.09
C GLU A 211 9.73 -2.64 -18.98
N LEU A 212 10.40 -3.79 -18.97
CA LEU A 212 11.36 -4.08 -17.90
C LEU A 212 12.71 -3.42 -18.18
N PHE A 213 13.22 -3.54 -19.41
CA PHE A 213 14.60 -3.13 -19.71
C PHE A 213 14.71 -1.86 -20.55
N GLY A 214 13.60 -1.29 -21.00
CA GLY A 214 13.65 -0.10 -21.83
C GLY A 214 13.83 -0.48 -23.30
N HIS A 215 13.80 0.55 -24.15
CA HIS A 215 14.08 0.33 -25.56
C HIS A 215 14.66 1.60 -26.15
N VAL A 216 15.32 1.45 -27.29
CA VAL A 216 15.87 2.59 -28.02
C VAL A 216 14.88 2.97 -29.13
N LYS A 217 15.12 4.12 -29.75
CA LYS A 217 14.21 4.62 -30.79
C LYS A 217 14.17 3.64 -31.95
N GLY A 218 12.95 3.35 -32.41
CA GLY A 218 12.78 2.41 -33.50
C GLY A 218 13.07 0.97 -33.14
N ALA A 219 13.00 0.63 -31.85
CA ALA A 219 13.24 -0.76 -31.44
C ALA A 219 12.23 -1.71 -32.08
N PHE A 220 11.01 -1.25 -32.30
CA PHE A 220 9.96 -2.06 -32.91
C PHE A 220 8.94 -1.11 -33.54
N THR A 221 7.96 -1.70 -34.22
CA THR A 221 6.93 -0.92 -34.91
C THR A 221 6.09 -0.11 -33.94
N THR A 225 10.81 6.26 -29.33
CA THR A 225 12.04 6.90 -28.90
C THR A 225 12.56 6.21 -27.63
N GLU A 226 13.85 6.34 -27.37
CA GLU A 226 14.54 5.70 -26.26
C GLU A 226 13.81 5.87 -24.93
N ARG A 227 12.97 4.91 -24.57
CA ARG A 227 12.24 4.94 -23.32
C ARG A 227 12.96 4.13 -22.24
N GLN A 228 12.80 4.60 -21.02
CA GLN A 228 13.47 4.05 -19.84
C GLN A 228 12.62 2.90 -19.29
N GLY A 229 13.25 1.75 -19.05
CA GLY A 229 12.55 0.62 -18.48
C GLY A 229 12.48 0.69 -16.95
N ALA A 230 11.73 -0.26 -16.39
CA ALA A 230 11.60 -0.36 -14.93
C ALA A 230 12.94 -0.45 -14.23
N VAL A 231 13.91 -1.18 -14.80
CA VAL A 231 15.17 -1.36 -14.07
C VAL A 231 15.90 -0.04 -13.94
N GLU A 232 15.81 0.80 -14.96
CA GLU A 232 16.44 2.12 -14.91
C GLU A 232 15.67 3.06 -13.99
N MET A 233 14.34 3.02 -14.03
CA MET A 233 13.56 3.85 -13.13
C MET A 233 13.84 3.50 -11.68
N ALA A 234 14.16 2.24 -11.42
CA ALA A 234 14.36 1.75 -10.06
C ALA A 234 15.79 1.90 -9.55
N HIS A 235 16.68 2.50 -10.33
CA HIS A 235 18.09 2.56 -9.94
C HIS A 235 18.24 3.21 -8.56
N ASN A 236 19.03 2.56 -7.71
CA ASN A 236 19.34 2.89 -6.32
C ASN A 236 18.14 2.69 -5.41
N GLY A 237 17.02 2.18 -5.93
CA GLY A 237 15.84 1.93 -5.15
C GLY A 237 15.43 0.45 -5.19
N THR A 238 14.12 0.21 -5.18
CA THR A 238 13.56 -1.12 -5.06
C THR A 238 12.75 -1.40 -6.31
N LEU A 239 13.00 -2.55 -6.94
CA LEU A 239 12.21 -3.02 -8.07
C LEU A 239 11.37 -4.20 -7.62
N MET A 240 10.05 -4.07 -7.74
CA MET A 240 9.10 -5.12 -7.43
CA MET A 240 9.12 -5.14 -7.43
C MET A 240 8.60 -5.76 -8.72
N LEU A 241 8.80 -7.08 -8.87
CA LEU A 241 8.25 -7.83 -9.99
C LEU A 241 7.04 -8.59 -9.49
N ASP A 242 5.85 -8.04 -9.74
CA ASP A 242 4.59 -8.63 -9.30
C ASP A 242 4.09 -9.64 -10.35
N GLU A 243 3.37 -10.66 -9.87
CA GLU A 243 2.89 -11.77 -10.71
CA GLU A 243 2.90 -11.79 -10.68
C GLU A 243 4.02 -12.34 -11.56
N LEU A 244 5.16 -12.60 -10.92
CA LEU A 244 6.37 -12.93 -11.66
C LEU A 244 6.25 -14.23 -12.42
N CYS A 245 5.43 -15.18 -11.94
CA CYS A 245 5.38 -16.45 -12.64
C CYS A 245 4.64 -16.36 -13.97
N GLU A 246 4.05 -15.19 -14.29
CA GLU A 246 3.49 -14.98 -15.62
C GLU A 246 4.55 -14.67 -16.67
N MET A 247 5.78 -14.36 -16.27
CA MET A 247 6.84 -14.05 -17.23
C MET A 247 7.21 -15.29 -18.04
N ASP A 248 7.46 -15.10 -19.35
CA ASP A 248 7.81 -16.23 -20.19
C ASP A 248 9.26 -16.66 -19.96
N LEU A 249 9.58 -17.89 -20.41
CA LEU A 249 10.89 -18.48 -20.14
C LEU A 249 12.03 -17.69 -20.78
N ASP A 250 11.81 -17.14 -21.98
CA ASP A 250 12.86 -16.35 -22.61
CA ASP A 250 12.86 -16.34 -22.62
C ASP A 250 13.21 -15.13 -21.79
N LEU A 251 12.19 -14.38 -21.33
CA LEU A 251 12.48 -13.21 -20.51
C LEU A 251 13.06 -13.62 -19.17
N GLN A 252 12.61 -14.75 -18.62
CA GLN A 252 13.17 -15.23 -17.35
C GLN A 252 14.68 -15.40 -17.45
N SER A 253 15.17 -15.91 -18.59
CA SER A 253 16.61 -16.04 -18.74
CA SER A 253 16.61 -16.04 -18.77
C SER A 253 17.30 -14.69 -18.72
N LYS A 254 16.70 -13.67 -19.33
CA LYS A 254 17.31 -12.34 -19.29
C LYS A 254 17.21 -11.73 -17.89
N LEU A 255 16.12 -12.01 -17.17
CA LEU A 255 16.02 -11.55 -15.79
C LEU A 255 17.11 -12.18 -14.93
N LEU A 256 17.31 -13.51 -15.07
CA LEU A 256 18.35 -14.17 -14.27
C LEU A 256 19.70 -13.53 -14.51
N ARG A 257 20.02 -13.27 -15.77
CA ARG A 257 21.29 -12.61 -16.10
C ARG A 257 21.38 -11.24 -15.45
N PHE A 258 20.28 -10.48 -15.47
CA PHE A 258 20.29 -9.18 -14.80
C PHE A 258 20.49 -9.31 -13.30
N ILE A 259 19.83 -10.28 -12.65
CA ILE A 259 20.00 -10.44 -11.20
C ILE A 259 21.45 -10.81 -10.88
N GLN A 260 22.04 -11.69 -11.68
CA GLN A 260 23.39 -12.16 -11.40
C GLN A 260 24.43 -11.07 -11.62
N THR A 261 24.33 -10.35 -12.74
CA THR A 261 25.35 -9.43 -13.19
C THR A 261 25.03 -7.96 -12.95
N GLY A 262 23.78 -7.63 -12.64
CA GLY A 262 23.36 -6.24 -12.64
C GLY A 262 23.38 -5.56 -14.00
N THR A 263 23.61 -6.31 -15.08
CA THR A 263 23.71 -5.77 -16.43
C THR A 263 22.47 -6.15 -17.24
N TYR A 264 22.17 -5.31 -18.24
CA TYR A 264 21.03 -5.53 -19.12
C TYR A 264 21.25 -4.77 -20.41
N GLN A 265 20.43 -5.09 -21.41
CA GLN A 265 20.36 -4.34 -22.66
C GLN A 265 18.96 -3.79 -22.89
N LYS A 266 18.88 -2.54 -23.32
CA LYS A 266 17.61 -2.03 -23.79
C LYS A 266 17.18 -2.74 -25.07
N VAL A 267 15.88 -2.92 -25.22
CA VAL A 267 15.33 -3.57 -26.40
C VAL A 267 15.73 -2.80 -27.64
N GLY A 268 16.29 -3.50 -28.62
CA GLY A 268 16.73 -2.88 -29.85
C GLY A 268 18.15 -2.37 -29.83
N SER A 269 18.87 -2.56 -28.73
CA SER A 269 20.23 -2.11 -28.60
C SER A 269 21.11 -3.29 -28.19
N SER A 270 22.38 -3.24 -28.57
CA SER A 270 23.36 -4.18 -28.06
C SER A 270 24.22 -3.55 -26.98
N LYS A 271 24.04 -2.26 -26.72
CA LYS A 271 24.80 -1.58 -25.68
C LYS A 271 24.45 -2.15 -24.32
N MET A 272 25.47 -2.29 -23.47
CA MET A 272 25.30 -2.84 -22.14
C MET A 272 25.10 -1.73 -21.15
N SER A 273 24.15 -1.93 -20.23
CA SER A 273 23.85 -0.97 -19.19
C SER A 273 23.83 -1.70 -17.87
N SER A 274 23.95 -0.95 -16.78
CA SER A 274 23.89 -1.53 -15.45
C SER A 274 23.19 -0.58 -14.49
N VAL A 275 22.52 -1.17 -13.49
CA VAL A 275 21.85 -0.42 -12.43
C VAL A 275 21.98 -1.22 -11.16
N ASP A 276 21.67 -0.57 -10.04
CA ASP A 276 21.77 -1.14 -8.69
C ASP A 276 20.36 -1.11 -8.09
N VAL A 277 19.68 -2.27 -8.08
CA VAL A 277 18.33 -2.35 -7.51
C VAL A 277 18.29 -3.45 -6.46
N ARG A 278 17.42 -3.25 -5.46
CA ARG A 278 17.04 -4.28 -4.52
C ARG A 278 15.74 -4.90 -5.04
N PHE A 279 15.70 -6.22 -5.10
CA PHE A 279 14.57 -6.94 -5.72
C PHE A 279 13.57 -7.42 -4.70
N VAL A 280 12.30 -7.27 -5.05
CA VAL A 280 11.21 -7.93 -4.36
C VAL A 280 10.37 -8.55 -5.46
N CYS A 281 9.88 -9.75 -5.24
CA CYS A 281 8.94 -10.30 -6.23
CA CYS A 281 9.02 -10.44 -6.21
C CYS A 281 7.77 -10.95 -5.51
N ALA A 282 6.70 -11.18 -6.29
CA ALA A 282 5.53 -11.81 -5.72
C ALA A 282 4.89 -12.70 -6.77
N THR A 283 4.23 -13.76 -6.31
CA THR A 283 3.43 -14.61 -7.18
C THR A 283 2.24 -15.11 -6.37
N ASN A 284 1.10 -15.32 -7.06
CA ASN A 284 0.02 -16.05 -6.41
C ASN A 284 0.03 -17.53 -6.82
N ARG A 285 1.09 -17.98 -7.47
CA ARG A 285 1.21 -19.39 -7.80
C ARG A 285 2.00 -20.11 -6.72
N ASN A 286 2.09 -21.43 -6.84
CA ASN A 286 3.01 -22.20 -6.02
C ASN A 286 4.31 -22.23 -6.78
N PRO A 287 5.34 -21.48 -6.38
CA PRO A 287 6.49 -21.30 -7.28
C PRO A 287 7.25 -22.58 -7.51
N TRP A 288 7.31 -23.47 -6.52
CA TRP A 288 8.01 -24.72 -6.75
C TRP A 288 7.24 -25.59 -7.73
N GLU A 289 5.90 -25.57 -7.62
CA GLU A 289 5.08 -26.28 -8.62
C GLU A 289 5.34 -25.75 -10.03
N GLU A 290 5.48 -24.43 -10.18
CA GLU A 290 5.79 -23.85 -11.48
C GLU A 290 7.13 -24.32 -12.00
N VAL A 291 8.11 -24.52 -11.10
CA VAL A 291 9.39 -25.08 -11.52
C VAL A 291 9.21 -26.54 -11.94
N GLN A 292 8.51 -27.32 -11.13
CA GLN A 292 8.30 -28.74 -11.46
C GLN A 292 7.61 -28.91 -12.81
N GLU A 293 6.63 -28.07 -13.11
CA GLU A 293 5.90 -28.15 -14.37
C GLU A 293 6.66 -27.54 -15.54
N GLY A 294 7.87 -27.03 -15.33
CA GLY A 294 8.66 -26.48 -16.42
C GLY A 294 8.27 -25.09 -16.87
N ARG A 295 7.44 -24.38 -16.10
CA ARG A 295 7.01 -23.03 -16.42
C ARG A 295 7.91 -21.94 -15.85
N PHE A 296 8.73 -22.28 -14.86
CA PHE A 296 9.59 -21.30 -14.21
C PHE A 296 10.98 -21.90 -14.06
N ARG A 297 12.00 -21.13 -14.45
CA ARG A 297 13.37 -21.64 -14.42
C ARG A 297 13.79 -21.97 -12.99
N GLU A 298 14.34 -23.17 -12.81
CA GLU A 298 14.80 -23.58 -11.49
C GLU A 298 15.92 -22.69 -10.98
N ASP A 299 16.90 -22.32 -11.84
CA ASP A 299 17.96 -21.47 -11.34
CA ASP A 299 17.97 -21.44 -11.41
C ASP A 299 17.46 -20.07 -11.02
N LEU A 300 16.43 -19.58 -11.73
CA LEU A 300 15.87 -18.29 -11.37
C LEU A 300 15.15 -18.39 -10.03
N TYR A 301 14.42 -19.49 -9.80
CA TYR A 301 13.78 -19.68 -8.50
C TYR A 301 14.81 -19.62 -7.38
N TYR A 302 15.91 -20.36 -7.50
CA TYR A 302 16.84 -20.35 -6.37
C TYR A 302 17.61 -19.05 -6.27
N ARG A 303 17.74 -18.30 -7.35
CA ARG A 303 18.35 -16.99 -7.26
C ARG A 303 17.46 -16.02 -6.49
N LEU A 304 16.13 -16.12 -6.68
CA LEU A 304 15.21 -15.16 -6.08
C LEU A 304 14.69 -15.55 -4.72
N HIS A 305 14.64 -16.83 -4.39
CA HIS A 305 13.90 -17.32 -3.22
C HIS A 305 14.83 -17.25 -2.00
N VAL A 306 15.10 -16.02 -1.57
CA VAL A 306 16.11 -15.79 -0.53
C VAL A 306 15.42 -15.51 0.79
N ILE A 307 14.67 -14.41 0.87
CA ILE A 307 13.89 -14.10 2.09
C ILE A 307 12.41 -14.32 1.78
N PRO A 308 11.81 -15.45 2.11
CA PRO A 308 10.40 -15.66 1.73
C PRO A 308 9.45 -14.99 2.72
N ILE A 309 8.36 -14.44 2.18
CA ILE A 309 7.24 -13.96 3.00
C ILE A 309 5.98 -14.56 2.45
N SER A 310 5.17 -15.17 3.32
CA SER A 310 3.87 -15.72 2.95
C SER A 310 2.75 -14.86 3.55
N LEU A 311 1.90 -14.28 2.69
CA LEU A 311 0.79 -13.49 3.23
CA LEU A 311 0.82 -13.51 3.27
C LEU A 311 -0.35 -14.43 3.59
N PRO A 312 -0.89 -14.32 4.81
CA PRO A 312 -2.02 -15.17 5.19
C PRO A 312 -3.29 -14.71 4.51
N PRO A 313 -4.14 -15.65 4.12
CA PRO A 313 -5.45 -15.27 3.56
C PRO A 313 -6.38 -14.74 4.64
N LEU A 314 -7.44 -14.03 4.18
CA LEU A 314 -8.35 -13.41 5.15
C LEU A 314 -8.91 -14.42 6.13
N ARG A 315 -9.19 -15.65 5.67
CA ARG A 315 -9.79 -16.64 6.55
C ARG A 315 -8.89 -17.02 7.71
N GLU A 316 -7.59 -16.73 7.65
CA GLU A 316 -6.68 -17.02 8.76
C GLU A 316 -6.41 -15.82 9.65
N ARG A 317 -7.03 -14.67 9.39
CA ARG A 317 -6.59 -13.42 10.03
C ARG A 317 -7.55 -12.94 11.11
N GLY A 318 -8.49 -13.77 11.54
CA GLY A 318 -9.31 -13.43 12.70
C GLY A 318 -10.00 -12.10 12.55
N GLY A 319 -9.80 -11.22 13.54
CA GLY A 319 -10.47 -9.94 13.59
C GLY A 319 -9.96 -8.89 12.61
N ASP A 320 -8.90 -9.18 11.85
CA ASP A 320 -8.43 -8.19 10.89
C ASP A 320 -9.53 -7.81 9.91
N ILE A 321 -10.41 -8.76 9.60
CA ILE A 321 -11.45 -8.52 8.59
C ILE A 321 -12.33 -7.34 8.99
N ILE A 322 -12.57 -7.14 10.29
CA ILE A 322 -13.38 -6.01 10.76
C ILE A 322 -12.74 -4.69 10.35
N GLU A 323 -11.40 -4.58 10.52
CA GLU A 323 -10.66 -3.35 10.20
CA GLU A 323 -10.72 -3.33 10.22
C GLU A 323 -10.69 -3.07 8.71
N ILE A 324 -10.38 -4.10 7.91
CA ILE A 324 -10.40 -3.94 6.46
C ILE A 324 -11.79 -3.54 6.01
N ALA A 325 -12.81 -4.21 6.55
CA ALA A 325 -14.19 -3.90 6.14
C ALA A 325 -14.53 -2.45 6.45
N HIS A 326 -14.11 -1.94 7.60
CA HIS A 326 -14.40 -0.55 7.93
C HIS A 326 -13.71 0.39 6.97
N ALA A 327 -12.45 0.13 6.66
CA ALA A 327 -11.74 0.95 5.68
C ALA A 327 -12.47 0.95 4.34
N LEU A 328 -12.85 -0.25 3.88
CA LEU A 328 -13.51 -0.35 2.59
C LEU A 328 -14.89 0.27 2.58
N LEU A 329 -15.61 0.23 3.71
CA LEU A 329 -16.92 0.87 3.75
C LEU A 329 -16.78 2.37 3.49
N GLY A 330 -15.76 2.99 4.10
CA GLY A 330 -15.51 4.39 3.81
C GLY A 330 -15.13 4.63 2.37
N LEU A 331 -14.23 3.79 1.84
CA LEU A 331 -13.79 3.95 0.47
C LEU A 331 -14.96 3.78 -0.50
N MET A 332 -15.81 2.79 -0.27
CA MET A 332 -16.90 2.58 -1.23
C MET A 332 -17.96 3.68 -1.09
N SER A 333 -18.19 4.21 0.12
CA SER A 333 -19.07 5.36 0.24
C SER A 333 -18.56 6.52 -0.58
N LEU A 334 -17.25 6.79 -0.50
CA LEU A 334 -16.66 7.86 -1.30
C LEU A 334 -16.83 7.60 -2.79
N GLU A 335 -16.55 6.36 -3.23
CA GLU A 335 -16.56 6.06 -4.65
C GLU A 335 -17.97 6.07 -5.21
N GLU A 336 -18.97 5.70 -4.41
CA GLU A 336 -20.32 5.54 -4.94
C GLU A 336 -21.27 6.64 -4.50
N GLY A 337 -20.77 7.65 -3.78
CA GLY A 337 -21.61 8.79 -3.42
C GLY A 337 -22.62 8.48 -2.34
N LYS A 338 -22.23 7.71 -1.33
CA LYS A 338 -23.10 7.29 -0.25
C LYS A 338 -22.45 7.71 1.08
N SER A 339 -23.13 7.44 2.18
CA SER A 339 -22.66 7.86 3.51
C SER A 339 -22.84 6.75 4.53
N PHE A 340 -22.37 5.55 4.17
CA PHE A 340 -22.27 4.46 5.12
C PHE A 340 -21.05 4.65 6.00
N SER A 341 -21.23 4.41 7.29
CA SER A 341 -20.10 4.49 8.20
C SER A 341 -20.02 3.40 9.26
N ARG A 342 -20.99 2.50 9.36
CA ARG A 342 -20.84 1.41 10.32
C ARG A 342 -21.55 0.15 9.84
N PHE A 343 -21.21 -0.95 10.51
CA PHE A 343 -21.81 -2.26 10.31
C PHE A 343 -22.51 -2.65 11.61
N SER A 344 -23.64 -3.32 11.49
CA SER A 344 -24.24 -3.87 12.71
C SER A 344 -23.37 -5.00 13.24
N GLU A 345 -23.51 -5.29 14.53
CA GLU A 345 -22.72 -6.38 15.09
CA GLU A 345 -22.72 -6.39 15.09
C GLU A 345 -23.07 -7.73 14.47
N PRO A 346 -24.34 -8.07 14.19
CA PRO A 346 -24.59 -9.33 13.47
C PRO A 346 -23.94 -9.38 12.09
N VAL A 347 -23.85 -8.26 11.38
CA VAL A 347 -23.16 -8.28 10.08
C VAL A 347 -21.68 -8.59 10.29
N LEU A 348 -21.07 -7.95 11.28
CA LEU A 348 -19.65 -8.19 11.52
C LEU A 348 -19.39 -9.64 11.92
N ARG A 349 -20.29 -10.22 12.74
CA ARG A 349 -20.14 -11.63 13.10
C ARG A 349 -20.23 -12.51 11.87
N LEU A 350 -21.12 -12.18 10.95
CA LEU A 350 -21.23 -12.95 9.72
C LEU A 350 -20.00 -12.79 8.84
N PHE A 351 -19.47 -11.58 8.74
CA PHE A 351 -18.22 -11.38 7.99
C PHE A 351 -17.07 -12.17 8.60
N GLU A 352 -17.09 -12.35 9.92
CA GLU A 352 -16.03 -13.12 10.54
C GLU A 352 -16.17 -14.61 10.32
N SER A 353 -17.39 -15.11 10.11
CA SER A 353 -17.54 -16.55 9.93
C SER A 353 -17.31 -16.99 8.50
N TYR A 354 -17.57 -16.11 7.54
CA TYR A 354 -17.36 -16.40 6.13
C TYR A 354 -15.87 -16.51 5.82
N SER A 355 -15.53 -17.40 4.90
CA SER A 355 -14.11 -17.70 4.66
C SER A 355 -13.48 -16.84 3.56
N TRP A 356 -14.24 -15.95 2.92
CA TRP A 356 -13.70 -15.05 1.88
C TRP A 356 -12.73 -15.72 0.93
N PRO A 357 -13.19 -16.66 0.09
CA PRO A 357 -12.28 -17.31 -0.86
C PRO A 357 -11.63 -16.36 -1.84
N GLY A 358 -12.23 -15.20 -2.11
CA GLY A 358 -11.63 -14.20 -2.96
C GLY A 358 -10.94 -13.10 -2.20
N ASN A 359 -10.74 -13.32 -0.90
CA ASN A 359 -9.94 -12.43 -0.05
C ASN A 359 -10.34 -10.97 -0.22
N VAL A 360 -9.37 -10.04 -0.30
CA VAL A 360 -9.75 -8.62 -0.23
C VAL A 360 -10.56 -8.18 -1.45
N ARG A 361 -10.32 -8.73 -2.63
CA ARG A 361 -11.14 -8.34 -3.77
C ARG A 361 -12.60 -8.72 -3.55
N GLU A 362 -12.85 -9.94 -3.02
CA GLU A 362 -14.23 -10.33 -2.74
C GLU A 362 -14.87 -9.43 -1.68
N LEU A 363 -14.11 -9.11 -0.63
CA LEU A 363 -14.60 -8.20 0.39
C LEU A 363 -14.96 -6.84 -0.20
N GLN A 364 -14.08 -6.30 -1.06
CA GLN A 364 -14.37 -5.05 -1.77
CA GLN A 364 -14.39 -5.04 -1.75
C GLN A 364 -15.66 -5.18 -2.58
N ASN A 365 -15.78 -6.27 -3.33
CA ASN A 365 -16.97 -6.44 -4.17
C ASN A 365 -18.24 -6.45 -3.33
N VAL A 366 -18.23 -7.22 -2.25
CA VAL A 366 -19.43 -7.38 -1.42
C VAL A 366 -19.82 -6.04 -0.81
N ILE A 367 -18.85 -5.30 -0.29
CA ILE A 367 -19.16 -3.99 0.29
C ILE A 367 -19.63 -3.01 -0.79
N ARG A 368 -18.99 -3.01 -1.96
CA ARG A 368 -19.45 -2.13 -3.03
C ARG A 368 -20.88 -2.47 -3.42
N ASN A 369 -21.21 -3.75 -3.54
CA ASN A 369 -22.58 -4.15 -3.88
C ASN A 369 -23.58 -3.62 -2.86
N ILE A 370 -23.26 -3.77 -1.57
CA ILE A 370 -24.13 -3.24 -0.52
C ILE A 370 -24.30 -1.73 -0.66
N VAL A 371 -23.19 -1.02 -0.85
CA VAL A 371 -23.24 0.43 -0.88
C VAL A 371 -23.99 0.94 -2.11
N VAL A 372 -23.88 0.22 -3.25
CA VAL A 372 -24.61 0.65 -4.45
C VAL A 372 -26.11 0.39 -4.31
N LEU A 373 -26.48 -0.72 -3.69
CA LEU A 373 -27.88 -1.13 -3.65
C LEU A 373 -28.67 -0.53 -2.49
N ASN A 374 -28.02 0.08 -1.50
CA ASN A 374 -28.70 0.56 -0.31
C ASN A 374 -28.30 2.00 0.00
N THR A 375 -29.16 2.68 0.77
CA THR A 375 -28.86 4.04 1.23
C THR A 375 -29.18 4.08 2.72
N ASP A 376 -28.12 4.08 3.54
CA ASP A 376 -28.25 3.98 4.99
C ASP A 376 -26.93 4.45 5.58
N ASP A 377 -26.91 4.75 6.87
CA ASP A 377 -25.64 4.96 7.52
CA ASP A 377 -25.63 4.95 7.51
C ASP A 377 -25.03 3.65 8.00
N GLU A 378 -25.84 2.59 8.16
CA GLU A 378 -25.43 1.32 8.73
C GLU A 378 -25.74 0.15 7.80
N VAL A 379 -24.77 -0.75 7.63
CA VAL A 379 -24.97 -2.02 6.94
C VAL A 379 -25.69 -2.99 7.86
N LYS A 380 -26.84 -3.50 7.43
CA LYS A 380 -27.66 -4.40 8.21
C LYS A 380 -27.74 -5.78 7.56
N LEU A 381 -28.12 -6.78 8.37
CA LEU A 381 -28.14 -8.16 7.88
C LEU A 381 -28.96 -8.31 6.59
N GLU A 382 -30.08 -7.60 6.48
CA GLU A 382 -30.94 -7.76 5.29
C GLU A 382 -30.23 -7.34 4.01
N MET A 383 -29.16 -6.54 4.10
CA MET A 383 -28.40 -6.11 2.94
C MET A 383 -27.33 -7.10 2.48
N VAL A 384 -27.01 -8.10 3.29
CA VAL A 384 -25.84 -8.94 3.01
C VAL A 384 -26.22 -9.95 1.93
N PRO A 385 -25.45 -10.06 0.86
CA PRO A 385 -25.82 -10.95 -0.26
C PRO A 385 -25.47 -12.40 0.03
N PRO A 386 -26.07 -13.34 -0.71
CA PRO A 386 -25.45 -14.67 -0.81
C PRO A 386 -24.10 -14.52 -1.53
N PRO A 387 -23.15 -15.42 -1.26
CA PRO A 387 -23.26 -16.59 -0.37
C PRO A 387 -22.93 -16.30 1.09
N ILE A 388 -22.70 -15.04 1.47
CA ILE A 388 -22.42 -14.73 2.86
C ILE A 388 -23.58 -15.16 3.74
N LEU A 389 -24.80 -14.77 3.37
CA LEU A 389 -26.00 -15.41 3.88
C LEU A 389 -26.98 -15.62 2.74
#